data_1XMX
#
_entry.id   1XMX
#
_cell.length_a   66.549
_cell.length_b   71.439
_cell.length_c   90.096
_cell.angle_alpha   90.00
_cell.angle_beta   90.00
_cell.angle_gamma   90.00
#
_symmetry.space_group_name_H-M   'P 21 21 2'
#
loop_
_entity.id
_entity.type
_entity.pdbx_description
1 polymer 'hypothetical protein VC1899'
2 non-polymer 'MAGNESIUM ION'
3 non-polymer GLYCEROL
4 non-polymer 'FORMIC ACID'
5 water water
#
_entity_poly.entity_id   1
_entity_poly.type   'polypeptide(L)'
_entity_poly.pdbx_seq_one_letter_code
;NAMAIHVGIIDQDPVRLVTPLLDHRTVSRHIIFIGDHTQTVIYQRLSDVLNKRNISTDFFEIPAGSNTSAIKSAIRELAE
TLKARGEEVKFNASCGLRHRLLSAYEVFRSYHWPIFVVEPNSDCLCWLYPEGNNDTQVQDRITIADYLTIFGARGEFNEH
QLSPQLDQQLYQLGERWASNALELGPGLATLNYLATTCRKEQKLDVELSDKQQGYRELNLLLSDLVEAKIASYENGILTF
INEEARRFANGEWLETLVHSTVKQIQDDMPTIQDRSLNVQVYRQLGEREVRNELDVATVVNNKLHIIECKTKGMRDDGDD
TLYKLESLRDLLGGLQARAMLVSFRPLRHNDITRAEDLGLALIGPDELKDLKTHLTQWFKAAGGN
;
_entity_poly.pdbx_strand_id   A
#
loop_
_chem_comp.id
_chem_comp.type
_chem_comp.name
_chem_comp.formula
FMT non-polymer 'FORMIC ACID' 'C H2 O2'
GOL non-polymer GLYCEROL 'C3 H8 O3'
MG non-polymer 'MAGNESIUM ION' 'Mg 2'
#
# COMPACT_ATOMS: atom_id res chain seq x y z
N ASN A 1 5.68 -29.32 14.55
CA ASN A 1 4.71 -29.31 13.39
C ASN A 1 3.26 -29.09 13.85
N ALA A 2 2.51 -30.16 14.14
CA ALA A 2 1.08 -30.04 14.52
C ALA A 2 0.87 -29.41 15.90
N MET A 3 1.83 -29.61 16.80
CA MET A 3 1.68 -29.05 18.13
C MET A 3 2.20 -27.60 18.18
N ALA A 4 2.80 -27.11 17.10
CA ALA A 4 3.37 -25.77 17.17
C ALA A 4 2.28 -24.72 16.93
N ILE A 5 2.07 -23.84 17.89
CA ILE A 5 1.10 -22.76 17.64
C ILE A 5 1.57 -21.40 18.11
N HIS A 6 1.04 -20.33 17.51
CA HIS A 6 1.24 -18.96 18.00
C HIS A 6 0.06 -18.48 18.87
N VAL A 7 0.31 -17.56 19.81
CA VAL A 7 -0.76 -16.83 20.43
C VAL A 7 -0.47 -15.35 20.23
N GLY A 8 -1.49 -14.55 19.89
CA GLY A 8 -1.28 -13.12 19.66
C GLY A 8 -2.42 -12.34 20.22
N ILE A 9 -2.20 -11.06 20.50
CA ILE A 9 -3.25 -10.23 21.12
C ILE A 9 -3.73 -9.26 20.03
N ILE A 10 -5.01 -9.36 19.67
CA ILE A 10 -5.54 -8.48 18.65
C ILE A 10 -5.48 -7.01 19.10
N ASP A 11 -5.12 -6.14 18.15
CA ASP A 11 -5.36 -4.73 18.33
C ASP A 11 -5.83 -4.10 17.01
N GLN A 12 -5.86 -2.77 16.92
CA GLN A 12 -6.35 -2.10 15.72
C GLN A 12 -5.31 -2.10 14.61
N ASP A 13 -4.06 -2.41 14.92
CA ASP A 13 -3.11 -2.65 13.83
C ASP A 13 -2.37 -3.99 13.99
N PRO A 14 -3.01 -5.12 13.62
CA PRO A 14 -2.49 -6.45 13.92
C PRO A 14 -1.71 -7.13 12.83
N VAL A 15 -1.15 -6.38 11.90
CA VAL A 15 -0.40 -6.98 10.82
C VAL A 15 0.78 -7.86 11.25
N ARG A 16 1.44 -7.49 12.32
CA ARG A 16 2.62 -8.20 12.76
C ARG A 16 2.25 -9.52 13.47
N LEU A 17 0.96 -9.81 13.65
CA LEU A 17 0.48 -11.16 14.07
C LEU A 17 0.30 -12.09 12.90
N VAL A 18 0.22 -11.53 11.69
CA VAL A 18 0.04 -12.32 10.51
C VAL A 18 1.38 -12.60 9.81
N THR A 19 2.24 -11.57 9.69
CA THR A 19 3.47 -11.76 8.89
C THR A 19 4.44 -12.88 9.35
N PRO A 20 4.65 -13.08 10.67
CA PRO A 20 5.37 -14.26 11.11
C PRO A 20 4.80 -15.59 10.61
N LEU A 21 3.48 -15.72 10.49
CA LEU A 21 2.90 -16.98 9.98
C LEU A 21 3.01 -17.13 8.48
N LEU A 22 3.23 -16.04 7.75
CA LEU A 22 3.42 -16.14 6.31
C LEU A 22 4.88 -16.41 5.90
N ASP A 23 5.80 -16.28 6.85
CA ASP A 23 7.23 -16.42 6.60
C ASP A 23 7.35 -17.90 6.39
N HIS A 24 8.06 -18.31 5.35
CA HIS A 24 8.18 -19.75 5.07
C HIS A 24 8.96 -20.50 6.14
N ARG A 25 9.74 -19.78 6.95
CA ARG A 25 10.58 -20.44 7.97
C ARG A 25 9.80 -20.84 9.23
N THR A 26 8.62 -20.27 9.43
CA THR A 26 7.82 -20.51 10.65
C THR A 26 7.16 -21.84 10.48
N VAL A 27 7.33 -22.68 11.50
CA VAL A 27 6.76 -24.02 11.55
C VAL A 27 5.23 -23.95 11.87
N SER A 28 4.85 -23.17 12.88
CA SER A 28 3.45 -23.08 13.31
C SER A 28 2.50 -22.80 12.19
N ARG A 29 1.39 -23.53 12.12
CA ARG A 29 0.35 -23.19 11.11
C ARG A 29 -1.01 -23.00 11.80
N HIS A 30 -0.94 -22.57 13.05
CA HIS A 30 -2.11 -22.29 13.85
C HIS A 30 -1.79 -21.13 14.80
N ILE A 31 -2.80 -20.29 15.03
CA ILE A 31 -2.69 -19.20 15.99
C ILE A 31 -4.00 -19.02 16.69
N ILE A 32 -3.90 -18.70 17.97
CA ILE A 32 -5.06 -18.31 18.77
C ILE A 32 -4.89 -16.87 19.06
N PHE A 33 -5.89 -16.09 18.63
CA PHE A 33 -5.88 -14.65 18.88
C PHE A 33 -6.66 -14.46 20.17
N ILE A 34 -6.16 -13.60 21.04
CA ILE A 34 -6.85 -13.20 22.26
C ILE A 34 -7.42 -11.80 22.01
N GLY A 35 -8.69 -11.55 22.36
CA GLY A 35 -9.30 -10.24 22.11
C GLY A 35 -10.58 -10.12 22.92
N ASP A 36 -11.18 -8.94 22.96
CA ASP A 36 -12.49 -8.80 23.57
C ASP A 36 -13.60 -8.95 22.55
N HIS A 37 -14.85 -9.02 23.01
CA HIS A 37 -15.93 -9.32 22.09
C HIS A 37 -16.05 -8.39 20.91
N THR A 38 -15.83 -7.09 21.11
CA THR A 38 -15.93 -6.13 20.03
C THR A 38 -14.82 -6.32 18.95
N GLN A 39 -13.85 -7.17 19.20
CA GLN A 39 -12.80 -7.38 18.22
C GLN A 39 -13.04 -8.64 17.36
N THR A 40 -14.20 -9.27 17.51
CA THR A 40 -14.63 -10.39 16.66
C THR A 40 -14.46 -10.09 15.15
N VAL A 41 -14.77 -8.87 14.76
CA VAL A 41 -14.69 -8.52 13.32
C VAL A 41 -13.21 -8.50 12.82
N ILE A 42 -12.30 -7.92 13.62
CA ILE A 42 -10.88 -7.94 13.34
C ILE A 42 -10.44 -9.39 13.23
N TYR A 43 -10.81 -10.21 14.21
CA TYR A 43 -10.58 -11.65 14.12
C TYR A 43 -11.01 -12.31 12.78
N GLN A 44 -12.24 -12.06 12.36
CA GLN A 44 -12.79 -12.58 11.13
C GLN A 44 -11.94 -12.15 9.92
N ARG A 45 -11.51 -10.89 9.90
CA ARG A 45 -10.63 -10.38 8.82
C ARG A 45 -9.24 -11.03 8.83
N LEU A 46 -8.63 -11.10 10.02
CA LEU A 46 -7.36 -11.81 10.19
C LEU A 46 -7.46 -13.25 9.68
N SER A 47 -8.57 -13.89 10.01
CA SER A 47 -8.84 -15.26 9.59
C SER A 47 -9.03 -15.41 8.11
N ASP A 48 -9.66 -14.44 7.43
CA ASP A 48 -9.78 -14.48 5.93
C ASP A 48 -8.39 -14.54 5.25
N VAL A 49 -7.48 -13.71 5.71
CA VAL A 49 -6.15 -13.71 5.17
C VAL A 49 -5.40 -15.04 5.51
N LEU A 50 -5.43 -15.44 6.78
CA LEU A 50 -4.60 -16.64 7.17
C LEU A 50 -5.23 -17.89 6.67
N ASN A 51 -6.56 -18.01 6.79
CA ASN A 51 -7.25 -19.23 6.33
C ASN A 51 -7.01 -19.54 4.84
N LYS A 52 -6.94 -18.48 4.01
CA LYS A 52 -6.53 -18.56 2.58
C LYS A 52 -5.29 -19.42 2.41
N ARG A 53 -4.35 -19.30 3.34
CA ARG A 53 -3.09 -20.05 3.33
C ARG A 53 -3.16 -21.30 4.13
N ASN A 54 -4.36 -21.73 4.54
CA ASN A 54 -4.43 -22.97 5.25
C ASN A 54 -3.74 -22.84 6.58
N ILE A 55 -3.61 -21.61 7.06
CA ILE A 55 -3.24 -21.42 8.47
C ILE A 55 -4.52 -21.30 9.25
N SER A 56 -4.66 -22.16 10.24
CA SER A 56 -5.85 -22.11 11.08
C SER A 56 -5.81 -21.13 12.27
N THR A 57 -7.00 -20.75 12.75
CA THR A 57 -7.15 -19.64 13.70
C THR A 57 -8.24 -19.97 14.74
N ASP A 58 -8.11 -19.42 15.96
CA ASP A 58 -9.15 -19.47 16.94
C ASP A 58 -9.13 -18.15 17.65
N PHE A 59 -10.23 -17.84 18.31
CA PHE A 59 -10.42 -16.60 18.98
C PHE A 59 -10.74 -16.97 20.40
N PHE A 60 -9.97 -16.44 21.34
CA PHE A 60 -10.19 -16.67 22.76
C PHE A 60 -10.50 -15.31 23.34
N GLU A 61 -11.70 -15.17 23.93
CA GLU A 61 -12.19 -13.86 24.38
C GLU A 61 -11.87 -13.61 25.82
N ILE A 62 -11.22 -12.49 26.07
CA ILE A 62 -11.01 -12.07 27.43
C ILE A 62 -12.10 -11.08 27.76
N PRO A 63 -12.28 -10.82 29.05
CA PRO A 63 -13.26 -9.84 29.36
C PRO A 63 -12.70 -8.49 28.91
N ALA A 64 -13.57 -7.55 28.67
CA ALA A 64 -13.17 -6.28 28.04
C ALA A 64 -12.71 -5.18 29.02
N GLY A 65 -13.07 -5.25 30.29
CA GLY A 65 -12.60 -4.29 31.26
C GLY A 65 -11.09 -4.23 31.44
N SER A 66 -10.64 -3.26 32.21
CA SER A 66 -9.23 -3.05 32.47
C SER A 66 -8.69 -3.88 33.63
N ASN A 67 -9.56 -4.59 34.38
CA ASN A 67 -9.13 -5.51 35.45
C ASN A 67 -8.24 -6.64 34.93
N THR A 68 -6.95 -6.55 35.33
CA THR A 68 -5.86 -7.38 34.86
C THR A 68 -5.74 -8.71 35.65
N SER A 69 -6.24 -8.76 36.89
CA SER A 69 -6.29 -10.07 37.57
C SER A 69 -7.39 -10.96 36.94
N ALA A 70 -8.45 -10.37 36.39
CA ALA A 70 -9.44 -11.12 35.57
C ALA A 70 -8.89 -11.52 34.18
N ILE A 71 -8.17 -10.63 33.51
CA ILE A 71 -7.46 -11.02 32.27
C ILE A 71 -6.44 -12.17 32.50
N LYS A 72 -5.56 -12.03 33.48
CA LYS A 72 -4.58 -13.06 33.80
C LYS A 72 -5.24 -14.38 34.15
N SER A 73 -6.35 -14.29 34.88
CA SER A 73 -7.13 -15.47 35.16
C SER A 73 -7.69 -16.16 33.86
N ALA A 74 -8.25 -15.38 32.94
CA ALA A 74 -8.77 -15.95 31.70
C ALA A 74 -7.62 -16.59 30.93
N ILE A 75 -6.48 -15.92 30.88
CA ILE A 75 -5.36 -16.41 30.08
C ILE A 75 -4.67 -17.63 30.69
N ARG A 76 -4.62 -17.68 32.01
CA ARG A 76 -4.03 -18.83 32.69
C ARG A 76 -4.88 -20.09 32.46
N GLU A 77 -6.20 -19.95 32.43
CA GLU A 77 -7.09 -21.03 32.00
C GLU A 77 -6.76 -21.54 30.59
N LEU A 78 -6.64 -20.62 29.65
CA LEU A 78 -6.15 -20.96 28.33
C LEU A 78 -4.79 -21.64 28.39
N ALA A 79 -3.84 -21.09 29.15
CA ALA A 79 -2.47 -21.61 29.14
C ALA A 79 -2.49 -23.07 29.63
N GLU A 80 -3.33 -23.33 30.64
CA GLU A 80 -3.31 -24.60 31.35
C GLU A 80 -3.88 -25.68 30.39
N THR A 81 -4.93 -25.34 29.65
CA THR A 81 -5.45 -26.22 28.62
C THR A 81 -4.39 -26.47 27.53
N LEU A 82 -3.60 -25.46 27.18
CA LEU A 82 -2.61 -25.64 26.13
C LEU A 82 -1.50 -26.51 26.68
N LYS A 83 -1.06 -26.22 27.89
CA LYS A 83 -0.04 -27.01 28.52
C LYS A 83 -0.47 -28.49 28.62
N ALA A 84 -1.75 -28.73 28.96
CA ALA A 84 -2.21 -30.13 29.19
C ALA A 84 -2.15 -30.93 27.90
N ARG A 85 -2.29 -30.24 26.77
CA ARG A 85 -2.20 -30.91 25.46
C ARG A 85 -0.78 -31.09 24.93
N GLY A 86 0.22 -30.45 25.51
CA GLY A 86 1.57 -30.50 24.97
C GLY A 86 1.71 -29.51 23.81
N GLU A 87 0.85 -28.49 23.77
CA GLU A 87 0.96 -27.48 22.72
C GLU A 87 2.34 -26.78 22.82
N GLU A 88 3.01 -26.59 21.70
CA GLU A 88 4.27 -25.88 21.75
C GLU A 88 4.05 -24.40 21.43
N VAL A 89 3.69 -23.65 22.48
CA VAL A 89 3.25 -22.28 22.35
C VAL A 89 4.39 -21.30 22.11
N LYS A 90 4.15 -20.36 21.20
CA LYS A 90 5.03 -19.23 21.04
C LYS A 90 4.15 -17.99 21.09
N PHE A 91 4.57 -17.07 21.92
CA PHE A 91 3.78 -15.89 22.19
C PHE A 91 4.37 -14.76 21.31
N ASN A 92 3.54 -14.30 20.40
CA ASN A 92 3.83 -13.14 19.61
C ASN A 92 3.31 -11.90 20.37
N ALA A 93 4.24 -11.16 20.96
CA ALA A 93 3.94 -10.01 21.76
C ALA A 93 4.03 -8.71 20.96
N SER A 94 3.88 -8.79 19.63
CA SER A 94 4.00 -7.61 18.77
C SER A 94 2.82 -6.59 18.96
N CYS A 95 1.66 -7.09 19.34
CA CYS A 95 0.47 -6.28 19.28
C CYS A 95 -0.29 -6.32 20.60
N GLY A 96 -1.20 -5.38 20.79
CA GLY A 96 -2.15 -5.41 21.89
C GLY A 96 -1.94 -4.27 22.86
N LEU A 97 -3.02 -3.83 23.46
CA LEU A 97 -2.92 -2.83 24.56
C LEU A 97 -1.97 -3.30 25.68
N ARG A 98 -1.22 -2.37 26.28
CA ARG A 98 -0.16 -2.85 27.18
C ARG A 98 -0.67 -3.61 28.41
N HIS A 99 -1.85 -3.26 28.93
CA HIS A 99 -2.39 -3.98 30.06
C HIS A 99 -2.66 -5.44 29.74
N ARG A 100 -3.30 -5.70 28.61
CA ARG A 100 -3.53 -7.08 28.19
C ARG A 100 -2.18 -7.73 27.84
N LEU A 101 -1.31 -7.01 27.14
CA LEU A 101 0.01 -7.57 26.70
C LEU A 101 0.81 -8.09 27.85
N LEU A 102 0.95 -7.27 28.89
CA LEU A 102 1.74 -7.61 30.03
C LEU A 102 1.09 -8.67 30.93
N SER A 103 -0.25 -8.77 30.90
CA SER A 103 -0.91 -9.85 31.63
C SER A 103 -0.60 -11.17 30.94
N ALA A 104 -0.78 -11.23 29.61
CA ALA A 104 -0.43 -12.41 28.84
C ALA A 104 1.04 -12.75 28.98
N TYR A 105 1.92 -11.74 28.92
CA TYR A 105 3.38 -11.99 29.11
C TYR A 105 3.69 -12.75 30.43
N GLU A 106 3.07 -12.29 31.53
CA GLU A 106 3.33 -12.92 32.85
C GLU A 106 2.93 -14.39 32.81
N VAL A 107 1.74 -14.67 32.29
CA VAL A 107 1.23 -16.03 32.24
C VAL A 107 2.13 -16.91 31.37
N PHE A 108 2.39 -16.46 30.15
CA PHE A 108 3.15 -17.30 29.20
C PHE A 108 4.62 -17.48 29.63
N ARG A 109 5.21 -16.43 30.16
CA ARG A 109 6.56 -16.54 30.67
C ARG A 109 6.68 -17.60 31.82
N SER A 110 5.66 -17.71 32.65
CA SER A 110 5.73 -18.71 33.74
C SER A 110 5.69 -20.15 33.24
N TYR A 111 5.13 -20.37 32.06
CA TYR A 111 5.13 -21.65 31.37
C TYR A 111 6.41 -21.87 30.55
N HIS A 112 7.35 -20.93 30.56
CA HIS A 112 8.57 -21.10 29.78
C HIS A 112 8.35 -21.19 28.26
N TRP A 113 7.27 -20.58 27.78
CA TRP A 113 7.01 -20.60 26.37
C TRP A 113 7.75 -19.43 25.77
N PRO A 114 8.36 -19.62 24.60
CA PRO A 114 9.12 -18.55 23.93
C PRO A 114 8.25 -17.37 23.59
N ILE A 115 8.87 -16.19 23.63
CA ILE A 115 8.14 -14.94 23.40
C ILE A 115 8.96 -14.07 22.46
N PHE A 116 8.32 -13.53 21.43
CA PHE A 116 9.03 -12.69 20.47
C PHE A 116 8.17 -11.49 20.14
N VAL A 117 8.84 -10.46 19.57
CA VAL A 117 8.23 -9.23 19.06
C VAL A 117 8.83 -8.90 17.71
N VAL A 118 7.97 -8.53 16.76
CA VAL A 118 8.40 -7.89 15.48
C VAL A 118 8.47 -6.38 15.69
N GLU A 119 9.69 -5.87 15.67
CA GLU A 119 9.87 -4.48 15.82
C GLU A 119 9.30 -3.83 14.52
N PRO A 120 8.36 -2.89 14.67
CA PRO A 120 7.61 -2.51 13.48
C PRO A 120 8.49 -1.71 12.49
N ASN A 121 9.50 -1.00 12.97
CA ASN A 121 10.35 -0.21 12.06
C ASN A 121 11.35 -1.08 11.26
N SER A 122 12.03 -1.99 11.95
CA SER A 122 13.09 -2.76 11.28
C SER A 122 12.50 -3.92 10.56
N ASP A 123 11.34 -4.35 11.05
CA ASP A 123 10.67 -5.63 10.74
C ASP A 123 11.42 -6.86 11.24
N CYS A 124 12.32 -6.71 12.23
CA CYS A 124 13.04 -7.87 12.81
C CYS A 124 12.17 -8.57 13.81
N LEU A 125 12.10 -9.90 13.74
CA LEU A 125 11.51 -10.67 14.81
C LEU A 125 12.59 -10.89 15.87
N CYS A 126 12.27 -10.46 17.10
CA CYS A 126 13.21 -10.33 18.19
C CYS A 126 12.73 -11.26 19.28
N TRP A 127 13.62 -12.13 19.75
CA TRP A 127 13.27 -13.07 20.81
C TRP A 127 13.48 -12.47 22.17
N LEU A 128 12.39 -12.25 22.89
CA LEU A 128 12.46 -11.67 24.24
C LEU A 128 12.80 -12.76 25.22
N TYR A 129 12.36 -13.96 24.90
CA TYR A 129 12.58 -15.09 25.76
C TYR A 129 12.48 -16.35 24.88
N PRO A 130 13.53 -17.21 24.90
CA PRO A 130 14.87 -17.00 25.54
C PRO A 130 15.74 -16.03 24.70
N GLU A 131 16.48 -15.11 25.33
CA GLU A 131 17.26 -14.16 24.51
C GLU A 131 18.28 -14.91 23.63
N GLY A 132 18.58 -16.17 23.95
CA GLY A 132 19.54 -16.95 23.15
C GLY A 132 19.12 -17.26 21.72
N ASN A 133 17.81 -17.24 21.43
CA ASN A 133 17.31 -17.51 20.08
C ASN A 133 17.81 -16.41 19.12
N ASN A 134 17.92 -16.72 17.85
CA ASN A 134 18.41 -15.72 16.90
C ASN A 134 17.35 -14.89 16.16
N ASP A 135 17.45 -13.58 16.24
CA ASP A 135 16.48 -12.68 15.60
C ASP A 135 16.63 -12.85 14.10
N THR A 136 15.53 -12.73 13.39
CA THR A 136 15.58 -12.83 11.94
C THR A 136 14.71 -11.70 11.35
N GLN A 137 14.91 -11.43 10.09
CA GLN A 137 14.15 -10.38 9.42
C GLN A 137 12.88 -11.09 8.92
N VAL A 138 11.70 -10.62 9.25
CA VAL A 138 10.49 -11.30 8.76
C VAL A 138 10.40 -11.27 7.24
N GLN A 139 10.06 -12.39 6.59
CA GLN A 139 10.04 -12.38 5.14
C GLN A 139 8.90 -11.49 4.71
N ASP A 140 8.89 -11.12 3.43
CA ASP A 140 7.98 -10.15 2.84
C ASP A 140 7.01 -10.88 1.93
N ARG A 141 5.87 -11.27 2.45
CA ARG A 141 4.93 -12.19 1.79
C ARG A 141 3.51 -11.65 1.66
N ILE A 142 3.04 -10.93 2.65
CA ILE A 142 1.70 -10.33 2.63
C ILE A 142 1.49 -9.44 1.39
N THR A 143 0.27 -9.51 0.82
CA THR A 143 -0.05 -8.72 -0.35
C THR A 143 -0.85 -7.49 0.00
N ILE A 144 -1.01 -6.58 -0.96
CA ILE A 144 -1.96 -5.42 -0.86
C ILE A 144 -3.38 -5.86 -0.53
N ALA A 145 -3.82 -6.95 -1.17
CA ALA A 145 -5.18 -7.45 -1.01
C ALA A 145 -5.40 -7.85 0.41
N ASP A 146 -4.40 -8.52 0.98
CA ASP A 146 -4.42 -9.00 2.37
C ASP A 146 -4.42 -7.86 3.31
N TYR A 147 -3.61 -6.85 2.95
CA TYR A 147 -3.51 -5.64 3.76
C TYR A 147 -4.85 -4.94 3.85
N LEU A 148 -5.54 -4.80 2.71
CA LEU A 148 -6.83 -4.14 2.76
C LEU A 148 -7.82 -4.91 3.58
N THR A 149 -7.87 -6.24 3.42
CA THR A 149 -8.78 -7.06 4.19
C THR A 149 -8.54 -6.82 5.69
N ILE A 150 -7.30 -6.93 6.09
CA ILE A 150 -6.97 -6.75 7.49
C ILE A 150 -7.57 -5.47 8.03
N PHE A 151 -7.50 -4.38 7.25
CA PHE A 151 -7.97 -3.09 7.73
C PHE A 151 -9.42 -2.71 7.38
N GLY A 152 -10.19 -3.70 6.95
CA GLY A 152 -11.64 -3.53 6.85
C GLY A 152 -12.15 -3.00 5.54
N ALA A 153 -11.33 -3.13 4.50
CA ALA A 153 -11.57 -2.57 3.19
C ALA A 153 -11.43 -3.73 2.22
N ARG A 154 -11.79 -3.51 0.98
CA ARG A 154 -11.57 -4.55 -0.01
C ARG A 154 -11.17 -3.89 -1.31
N GLY A 155 -10.18 -4.44 -1.98
CA GLY A 155 -9.70 -3.83 -3.24
C GLY A 155 -10.15 -4.65 -4.42
N GLU A 156 -10.38 -3.99 -5.55
CA GLU A 156 -10.55 -4.65 -6.83
C GLU A 156 -9.33 -4.31 -7.70
N PHE A 157 -8.72 -5.32 -8.31
CA PHE A 157 -7.41 -5.16 -8.97
C PHE A 157 -7.46 -5.39 -10.49
N ASN A 158 -6.80 -4.51 -11.28
CA ASN A 158 -6.77 -4.53 -12.76
C ASN A 158 -7.74 -5.49 -13.44
N SER A 163 0.38 -5.93 -25.94
CA SER A 163 0.81 -5.39 -24.65
C SER A 163 2.30 -5.06 -24.64
N PRO A 164 3.19 -6.05 -24.83
CA PRO A 164 4.62 -5.77 -24.59
C PRO A 164 5.23 -4.61 -25.44
N GLN A 165 4.84 -4.48 -26.71
CA GLN A 165 5.35 -3.42 -27.55
C GLN A 165 4.66 -2.12 -27.18
N LEU A 166 3.35 -2.21 -26.89
CA LEU A 166 2.59 -1.06 -26.37
C LEU A 166 3.10 -0.55 -25.04
N ASP A 167 3.32 -1.46 -24.09
CA ASP A 167 3.87 -1.11 -22.79
C ASP A 167 5.19 -0.38 -22.86
N GLN A 168 6.06 -0.80 -23.75
CA GLN A 168 7.35 -0.16 -23.79
C GLN A 168 7.22 1.24 -24.39
N GLN A 169 6.43 1.39 -25.45
CA GLN A 169 6.09 2.69 -26.03
C GLN A 169 5.46 3.60 -24.97
N LEU A 170 4.52 3.07 -24.18
CA LEU A 170 3.87 3.92 -23.16
C LEU A 170 4.85 4.28 -22.08
N TYR A 171 5.73 3.33 -21.76
CA TYR A 171 6.77 3.60 -20.78
C TYR A 171 7.78 4.68 -21.25
N GLN A 172 8.24 4.53 -22.48
CA GLN A 172 9.25 5.45 -22.92
C GLN A 172 8.60 6.85 -23.16
N LEU A 173 7.36 6.88 -23.59
CA LEU A 173 6.68 8.15 -23.74
C LEU A 173 6.63 8.88 -22.40
N GLY A 174 6.28 8.13 -21.35
CA GLY A 174 6.20 8.69 -20.01
C GLY A 174 7.52 9.25 -19.52
N GLU A 175 8.60 8.50 -19.73
CA GLU A 175 9.97 8.95 -19.42
C GLU A 175 10.26 10.35 -20.06
N ARG A 176 9.88 10.50 -21.32
CA ARG A 176 10.16 11.73 -22.04
C ARG A 176 9.43 12.85 -21.42
N TRP A 177 8.16 12.60 -21.15
CA TRP A 177 7.30 13.68 -20.63
C TRP A 177 7.76 14.00 -19.20
N ALA A 178 8.08 12.98 -18.40
CA ALA A 178 8.47 13.20 -17.00
C ALA A 178 9.77 13.98 -16.94
N SER A 179 10.67 13.70 -17.84
CA SER A 179 12.00 14.29 -17.75
C SER A 179 12.11 15.69 -18.38
N ASN A 180 11.07 16.11 -19.10
CA ASN A 180 10.97 17.46 -19.63
C ASN A 180 9.67 18.03 -19.13
N ALA A 181 9.33 17.77 -17.88
CA ALA A 181 7.98 18.11 -17.37
C ALA A 181 7.62 19.60 -17.39
N LEU A 182 8.56 20.45 -16.98
CA LEU A 182 8.29 21.88 -16.97
C LEU A 182 8.15 22.39 -18.40
N GLU A 183 8.98 21.87 -19.32
CA GLU A 183 8.90 22.27 -20.76
C GLU A 183 7.54 21.93 -21.38
N LEU A 184 6.95 20.82 -20.94
CA LEU A 184 5.76 20.28 -21.56
C LEU A 184 4.49 20.66 -20.84
N GLY A 185 4.64 21.31 -19.68
CA GLY A 185 3.52 21.72 -18.84
C GLY A 185 2.24 22.06 -19.58
N PRO A 186 2.16 23.29 -20.13
CA PRO A 186 1.01 23.84 -20.88
C PRO A 186 0.47 22.92 -21.97
N GLY A 187 1.35 22.27 -22.70
CA GLY A 187 0.95 21.38 -23.74
C GLY A 187 0.17 20.18 -23.24
N LEU A 188 0.49 19.69 -22.03
CA LEU A 188 -0.15 18.50 -21.52
C LEU A 188 -1.54 18.80 -20.97
N ALA A 189 -1.69 19.98 -20.39
CA ALA A 189 -3.00 20.56 -20.15
C ALA A 189 -3.91 20.62 -21.40
N THR A 190 -3.38 21.06 -22.55
CA THR A 190 -4.24 21.12 -23.73
C THR A 190 -4.59 19.72 -24.22
N LEU A 191 -3.62 18.80 -24.16
CA LEU A 191 -3.82 17.39 -24.52
C LEU A 191 -4.85 16.72 -23.59
N ASN A 192 -4.72 17.02 -22.30
CA ASN A 192 -5.74 16.60 -21.34
C ASN A 192 -7.14 17.08 -21.71
N TYR A 193 -7.31 18.36 -22.04
CA TYR A 193 -8.61 18.85 -22.51
C TYR A 193 -9.12 18.10 -23.80
N LEU A 194 -8.24 17.89 -24.77
CA LEU A 194 -8.57 17.11 -25.98
C LEU A 194 -8.97 15.67 -25.64
N ALA A 195 -8.15 14.98 -24.85
CA ALA A 195 -8.53 13.62 -24.40
C ALA A 195 -9.89 13.61 -23.67
N THR A 196 -10.14 14.62 -22.85
CA THR A 196 -11.39 14.72 -22.11
C THR A 196 -12.61 14.93 -23.03
N THR A 197 -12.43 15.73 -24.07
CA THR A 197 -13.47 15.90 -25.11
C THR A 197 -13.85 14.55 -25.78
N CYS A 198 -12.82 13.74 -26.11
CA CYS A 198 -13.03 12.41 -26.66
C CYS A 198 -13.78 11.56 -25.66
N ARG A 199 -13.33 11.52 -24.40
CA ARG A 199 -14.03 10.79 -23.35
C ARG A 199 -15.51 11.16 -23.25
N LYS A 200 -15.80 12.45 -23.13
CA LYS A 200 -17.18 12.91 -23.00
C LYS A 200 -18.03 12.63 -24.24
N GLU A 201 -17.40 12.57 -25.41
CA GLU A 201 -18.13 12.36 -26.65
C GLU A 201 -18.22 10.89 -27.00
N GLN A 202 -17.48 10.09 -26.23
CA GLN A 202 -17.31 8.65 -26.44
C GLN A 202 -16.70 8.30 -27.77
N LYS A 203 -15.68 9.05 -28.17
CA LYS A 203 -14.99 8.74 -29.40
C LYS A 203 -13.48 8.85 -29.23
N LEU A 204 -12.75 8.55 -30.28
CA LEU A 204 -11.33 8.50 -30.11
C LEU A 204 -10.69 9.55 -30.96
N ASP A 205 -11.52 10.39 -31.56
CA ASP A 205 -11.05 11.46 -32.42
C ASP A 205 -11.62 12.80 -32.01
N VAL A 206 -10.89 13.86 -32.31
CA VAL A 206 -11.19 15.21 -31.91
C VAL A 206 -10.46 16.14 -32.88
N GLU A 207 -11.19 17.13 -33.38
CA GLU A 207 -10.61 18.14 -34.28
C GLU A 207 -10.12 19.31 -33.45
N LEU A 208 -8.89 19.70 -33.67
CA LEU A 208 -8.30 20.83 -32.96
C LEU A 208 -8.71 22.13 -33.62
N SER A 209 -8.92 23.15 -32.80
CA SER A 209 -9.20 24.50 -33.34
C SER A 209 -7.96 24.97 -34.05
N ASP A 210 -8.03 26.05 -34.81
CA ASP A 210 -6.82 26.51 -35.47
C ASP A 210 -5.81 27.04 -34.46
N LYS A 211 -6.30 27.65 -33.39
CA LYS A 211 -5.41 28.08 -32.35
C LYS A 211 -4.63 26.85 -31.76
N GLN A 212 -5.36 25.80 -31.36
CA GLN A 212 -4.70 24.58 -30.84
C GLN A 212 -3.66 24.00 -31.80
N GLN A 213 -3.93 24.09 -33.10
CA GLN A 213 -3.02 23.58 -34.11
C GLN A 213 -1.71 24.36 -34.19
N GLY A 214 -1.71 25.61 -33.72
CA GLY A 214 -0.47 26.40 -33.71
C GLY A 214 0.32 26.31 -32.39
N TYR A 215 -0.18 25.59 -31.39
CA TYR A 215 0.53 25.53 -30.10
C TYR A 215 1.80 24.68 -30.26
N ARG A 216 2.92 25.31 -29.98
CA ARG A 216 4.25 24.70 -29.94
C ARG A 216 4.38 23.38 -29.13
N GLU A 217 4.20 23.43 -27.82
CA GLU A 217 4.38 22.22 -26.99
C GLU A 217 3.38 21.10 -27.28
N LEU A 218 2.14 21.47 -27.58
CA LEU A 218 1.13 20.49 -27.97
C LEU A 218 1.63 19.66 -29.15
N ASN A 219 2.15 20.34 -30.15
CA ASN A 219 2.67 19.67 -31.34
C ASN A 219 3.84 18.71 -31.09
N LEU A 220 4.74 19.07 -30.18
CA LEU A 220 5.75 18.17 -29.67
C LEU A 220 5.08 16.87 -29.15
N LEU A 221 4.02 17.02 -28.35
CA LEU A 221 3.23 15.91 -27.81
C LEU A 221 2.47 15.13 -28.86
N LEU A 222 1.82 15.81 -29.77
CA LEU A 222 1.11 15.09 -30.83
C LEU A 222 2.10 14.23 -31.63
N SER A 223 3.24 14.77 -31.94
CA SER A 223 4.15 13.98 -32.76
C SER A 223 4.80 12.82 -31.94
N ASP A 224 4.83 12.91 -30.60
CA ASP A 224 5.26 11.79 -29.79
C ASP A 224 4.24 10.65 -29.83
N LEU A 225 2.98 11.01 -29.70
CA LEU A 225 1.88 10.08 -29.87
C LEU A 225 1.99 9.40 -31.23
N VAL A 226 2.27 10.16 -32.27
CA VAL A 226 2.40 9.60 -33.62
C VAL A 226 3.59 8.63 -33.73
N GLU A 227 4.77 9.08 -33.36
CA GLU A 227 5.95 8.22 -33.38
C GLU A 227 5.70 6.90 -32.59
N ALA A 228 5.02 7.02 -31.44
CA ALA A 228 4.73 5.88 -30.58
C ALA A 228 3.68 4.99 -31.15
N LYS A 229 3.14 5.38 -32.31
CA LYS A 229 2.04 4.66 -33.01
C LYS A 229 0.76 4.51 -32.15
N ILE A 230 0.55 5.40 -31.18
CA ILE A 230 -0.70 5.35 -30.40
C ILE A 230 -1.77 6.40 -30.73
N ALA A 231 -1.45 7.29 -31.69
CA ALA A 231 -2.43 8.19 -32.32
C ALA A 231 -1.98 8.55 -33.72
N SER A 232 -2.96 8.96 -34.54
CA SER A 232 -2.62 9.59 -35.77
C SER A 232 -3.06 11.06 -35.64
N TYR A 233 -2.36 11.95 -36.34
CA TYR A 233 -2.67 13.37 -36.29
C TYR A 233 -2.52 13.88 -37.73
N GLU A 234 -3.63 14.27 -38.35
CA GLU A 234 -3.70 14.55 -39.79
C GLU A 234 -4.79 15.57 -40.03
N ASN A 235 -4.42 16.66 -40.69
CA ASN A 235 -5.39 17.70 -41.07
C ASN A 235 -6.13 18.29 -39.87
N GLY A 236 -5.40 18.50 -38.75
CA GLY A 236 -5.98 18.99 -37.48
C GLY A 236 -6.86 18.00 -36.71
N ILE A 237 -6.93 16.75 -37.16
CA ILE A 237 -7.63 15.71 -36.43
C ILE A 237 -6.70 14.78 -35.73
N LEU A 238 -6.91 14.68 -34.42
CA LEU A 238 -6.17 13.74 -33.57
C LEU A 238 -7.03 12.50 -33.28
N THR A 239 -6.53 11.31 -33.63
CA THR A 239 -7.27 10.07 -33.36
C THR A 239 -6.42 9.15 -32.48
N PHE A 240 -6.91 8.79 -31.28
CA PHE A 240 -6.26 7.71 -30.52
C PHE A 240 -6.58 6.31 -31.08
N ILE A 241 -5.60 5.41 -31.05
CA ILE A 241 -5.84 4.07 -31.51
C ILE A 241 -6.83 3.34 -30.61
N ASN A 242 -6.89 3.72 -29.34
CA ASN A 242 -7.81 3.06 -28.41
C ASN A 242 -8.04 3.82 -27.09
N GLU A 243 -8.89 3.29 -26.23
CA GLU A 243 -9.25 3.94 -24.96
C GLU A 243 -8.07 4.10 -24.03
N GLU A 244 -7.22 3.07 -24.01
CA GLU A 244 -6.02 3.10 -23.17
C GLU A 244 -5.05 4.19 -23.63
N ALA A 245 -4.95 4.44 -24.94
CA ALA A 245 -4.16 5.58 -25.45
C ALA A 245 -4.84 6.89 -25.13
N ARG A 246 -6.15 6.95 -25.26
CA ARG A 246 -6.85 8.16 -24.84
C ARG A 246 -6.68 8.45 -23.32
N ARG A 247 -6.83 7.44 -22.46
CA ARG A 247 -6.65 7.62 -21.02
C ARG A 247 -5.24 8.07 -20.67
N PHE A 248 -4.29 7.57 -21.44
CA PHE A 248 -2.88 7.80 -21.22
C PHE A 248 -2.64 9.25 -21.41
N ALA A 249 -3.15 9.80 -22.54
CA ALA A 249 -3.00 11.25 -22.87
C ALA A 249 -3.86 12.11 -21.98
N ASN A 250 -4.89 11.49 -21.41
CA ASN A 250 -5.69 12.22 -20.47
C ASN A 250 -4.96 12.53 -19.13
N GLY A 251 -3.90 11.80 -18.85
CA GLY A 251 -3.14 12.03 -17.61
C GLY A 251 -2.71 10.75 -16.90
N GLU A 252 -3.26 9.62 -17.31
CA GLU A 252 -2.85 8.32 -16.72
C GLU A 252 -1.44 7.92 -17.08
N TRP A 253 -0.78 8.68 -17.98
CA TRP A 253 0.62 8.43 -18.30
C TRP A 253 1.56 8.42 -17.07
N LEU A 254 1.28 9.27 -16.07
CA LEU A 254 2.21 9.48 -14.97
C LEU A 254 2.11 8.33 -13.98
N GLU A 255 0.92 7.83 -13.76
CA GLU A 255 0.74 6.68 -12.84
C GLU A 255 1.24 5.39 -13.52
N THR A 256 1.02 5.28 -14.82
CA THR A 256 1.55 4.18 -15.60
C THR A 256 3.08 4.11 -15.55
N LEU A 257 3.74 5.27 -15.73
CA LEU A 257 5.18 5.44 -15.60
C LEU A 257 5.66 5.07 -14.17
N VAL A 258 4.95 5.58 -13.16
CA VAL A 258 5.35 5.26 -11.80
C VAL A 258 5.18 3.75 -11.54
N HIS A 259 4.09 3.17 -11.97
CA HIS A 259 3.94 1.74 -11.81
C HIS A 259 5.05 0.96 -12.52
N SER A 260 5.34 1.34 -13.75
CA SER A 260 6.37 0.71 -14.54
C SER A 260 7.77 0.84 -13.90
N THR A 261 8.05 2.00 -13.31
CA THR A 261 9.30 2.24 -12.58
C THR A 261 9.44 1.43 -11.28
N VAL A 262 8.35 1.31 -10.53
CA VAL A 262 8.33 0.48 -9.36
C VAL A 262 8.66 -0.94 -9.75
N LYS A 263 8.08 -1.40 -10.84
CA LYS A 263 8.32 -2.77 -11.35
C LYS A 263 9.81 -2.99 -11.72
N GLN A 264 10.43 -2.00 -12.35
CA GLN A 264 11.90 -1.98 -12.52
C GLN A 264 12.74 -2.02 -11.26
N ILE A 265 12.38 -1.21 -10.28
CA ILE A 265 13.12 -1.17 -8.99
C ILE A 265 12.98 -2.49 -8.30
N GLN A 266 11.82 -3.11 -8.44
CA GLN A 266 11.53 -4.37 -7.74
C GLN A 266 12.41 -5.53 -8.25
N ASP A 267 12.82 -5.46 -9.50
CA ASP A 267 13.77 -6.45 -10.05
C ASP A 267 15.04 -6.52 -9.18
N ASP A 268 15.45 -5.44 -8.53
CA ASP A 268 16.64 -5.50 -7.70
C ASP A 268 16.43 -5.28 -6.22
N MET A 269 15.17 -5.08 -5.78
CA MET A 269 14.82 -4.75 -4.39
C MET A 269 13.75 -5.73 -4.00
N PRO A 270 14.13 -6.95 -3.57
CA PRO A 270 13.09 -7.92 -3.14
C PRO A 270 12.19 -7.49 -1.97
N THR A 271 12.52 -6.44 -1.24
CA THR A 271 11.59 -5.95 -0.18
C THR A 271 10.29 -5.41 -0.78
N ILE A 272 10.24 -5.12 -2.08
CA ILE A 272 8.99 -4.66 -2.68
C ILE A 272 8.29 -5.94 -3.07
N GLN A 273 7.28 -6.31 -2.31
CA GLN A 273 6.82 -7.67 -2.35
C GLN A 273 5.50 -7.72 -3.13
N ASP A 274 4.90 -6.56 -3.40
CA ASP A 274 3.64 -6.46 -4.14
C ASP A 274 3.44 -5.06 -4.78
N ARG A 275 2.73 -4.97 -5.89
CA ARG A 275 2.51 -3.66 -6.51
C ARG A 275 1.31 -3.75 -7.37
N SER A 276 0.61 -2.61 -7.53
CA SER A 276 -0.60 -2.59 -8.32
C SER A 276 -0.87 -1.21 -8.87
N LEU A 277 -1.65 -1.14 -9.94
CA LEU A 277 -2.03 0.08 -10.64
C LEU A 277 -3.51 0.32 -10.48
N ASN A 278 -3.87 1.48 -9.97
CA ASN A 278 -5.27 1.91 -9.87
C ASN A 278 -6.17 0.94 -9.11
N VAL A 279 -5.76 0.59 -7.89
CA VAL A 279 -6.55 -0.28 -7.06
C VAL A 279 -7.85 0.45 -6.68
N GLN A 280 -9.00 -0.15 -6.96
CA GLN A 280 -10.28 0.33 -6.40
C GLN A 280 -10.51 -0.23 -4.99
N VAL A 281 -10.82 0.63 -4.02
CA VAL A 281 -10.89 0.25 -2.59
C VAL A 281 -12.29 0.62 -2.11
N TYR A 282 -12.95 -0.36 -1.51
CA TYR A 282 -14.30 -0.24 -0.98
C TYR A 282 -14.32 -0.49 0.54
N ARG A 283 -15.09 0.34 1.27
CA ARG A 283 -15.36 0.12 2.70
C ARG A 283 -16.85 0.27 2.96
N GLN A 284 -17.48 -0.74 3.55
CA GLN A 284 -18.89 -0.68 3.87
C GLN A 284 -19.09 -0.05 5.23
N LEU A 285 -20.06 0.87 5.32
CA LEU A 285 -20.58 1.36 6.62
C LEU A 285 -22.11 1.23 6.67
N GLY A 286 -22.60 0.15 7.27
CA GLY A 286 -24.03 -0.17 7.12
C GLY A 286 -24.36 -0.31 5.64
N GLU A 287 -25.43 0.32 5.19
CA GLU A 287 -25.81 0.27 3.77
C GLU A 287 -24.95 1.21 2.92
N ARG A 288 -24.07 1.94 3.58
CA ARG A 288 -23.39 3.00 2.85
C ARG A 288 -21.97 2.57 2.48
N GLU A 289 -21.36 3.35 1.62
CA GLU A 289 -20.06 2.98 1.14
C GLU A 289 -19.15 4.17 0.92
N VAL A 290 -17.87 4.00 1.28
CA VAL A 290 -16.84 4.91 0.75
C VAL A 290 -15.82 4.24 -0.20
N ARG A 291 -15.71 4.79 -1.40
CA ARG A 291 -14.85 4.28 -2.50
C ARG A 291 -13.63 5.19 -2.64
N ASN A 292 -12.45 4.58 -2.78
CA ASN A 292 -11.23 5.32 -2.99
C ASN A 292 -10.48 4.64 -4.12
N GLU A 293 -9.49 5.33 -4.71
CA GLU A 293 -8.62 4.69 -5.72
C GLU A 293 -7.16 4.89 -5.35
N LEU A 294 -6.37 3.83 -5.36
CA LEU A 294 -4.93 3.96 -5.11
C LEU A 294 -4.18 3.94 -6.44
N ASP A 295 -3.60 5.08 -6.83
CA ASP A 295 -2.97 5.18 -8.14
C ASP A 295 -1.90 4.10 -8.33
N VAL A 296 -0.92 4.06 -7.44
CA VAL A 296 0.03 2.94 -7.39
C VAL A 296 0.12 2.57 -5.93
N ALA A 297 -0.14 1.31 -5.67
CA ALA A 297 -0.03 0.77 -4.32
C ALA A 297 1.07 -0.29 -4.31
N THR A 298 1.90 -0.28 -3.26
CA THR A 298 2.89 -1.35 -3.01
C THR A 298 2.86 -1.82 -1.55
N VAL A 299 3.40 -3.00 -1.30
CA VAL A 299 3.81 -3.36 0.05
C VAL A 299 5.34 -3.52 -0.02
N VAL A 300 6.05 -2.95 0.95
CA VAL A 300 7.48 -3.01 1.01
C VAL A 300 7.88 -3.24 2.45
N ASN A 301 8.71 -4.27 2.70
CA ASN A 301 9.08 -4.66 4.02
C ASN A 301 7.85 -4.77 4.91
N ASN A 302 6.82 -5.42 4.37
CA ASN A 302 5.57 -5.66 5.07
C ASN A 302 4.82 -4.37 5.50
N LYS A 303 5.21 -3.19 4.97
CA LYS A 303 4.50 -1.91 5.18
C LYS A 303 3.79 -1.43 3.88
N LEU A 304 2.50 -1.05 4.00
CA LEU A 304 1.73 -0.56 2.81
C LEU A 304 2.28 0.79 2.39
N HIS A 305 2.64 0.91 1.11
CA HIS A 305 3.12 2.18 0.53
C HIS A 305 2.16 2.59 -0.59
N ILE A 306 1.55 3.77 -0.42
CA ILE A 306 0.63 4.32 -1.42
C ILE A 306 1.21 5.56 -2.12
N ILE A 307 1.05 5.58 -3.43
CA ILE A 307 1.50 6.71 -4.21
C ILE A 307 0.31 7.29 -4.96
N GLU A 308 0.03 8.57 -4.69
CA GLU A 308 -0.95 9.32 -5.45
C GLU A 308 -0.15 10.05 -6.53
N CYS A 309 -0.61 9.93 -7.78
CA CYS A 309 -0.10 10.75 -8.90
C CYS A 309 -1.08 11.90 -9.27
N LYS A 310 -0.58 13.13 -9.27
CA LYS A 310 -1.31 14.26 -9.82
C LYS A 310 -0.59 14.81 -11.07
N THR A 311 -1.39 15.03 -12.12
CA THR A 311 -0.96 15.76 -13.32
C THR A 311 -1.50 17.23 -13.37
N LYS A 312 -2.44 17.59 -12.50
CA LYS A 312 -2.92 18.97 -12.40
C LYS A 312 -2.46 19.60 -11.09
N GLY A 313 -2.59 20.91 -10.97
CA GLY A 313 -2.13 21.65 -9.79
C GLY A 313 -3.08 21.59 -8.60
N MET A 314 -2.53 21.82 -7.41
CA MET A 314 -3.36 21.89 -6.19
C MET A 314 -4.00 23.25 -6.00
N ARG A 315 -5.32 23.23 -5.81
CA ARG A 315 -6.09 24.40 -5.41
C ARG A 315 -5.58 24.95 -4.08
N ASP A 317 -5.93 27.53 -1.32
CA ASP A 317 -7.32 27.29 -1.75
C ASP A 317 -8.16 26.17 -1.03
N GLY A 318 -7.85 25.89 0.25
CA GLY A 318 -8.51 24.80 1.00
C GLY A 318 -8.46 23.43 0.30
N ASP A 319 -7.28 23.03 -0.20
CA ASP A 319 -7.13 21.79 -0.97
C ASP A 319 -7.05 20.54 -0.06
N ASP A 320 -7.75 19.48 -0.44
CA ASP A 320 -7.89 18.31 0.43
C ASP A 320 -6.90 17.19 0.12
N THR A 321 -6.10 17.35 -0.95
CA THR A 321 -5.24 16.26 -1.50
C THR A 321 -4.36 15.54 -0.43
N LEU A 322 -3.65 16.34 0.36
CA LEU A 322 -2.68 15.89 1.31
C LEU A 322 -3.31 15.39 2.62
N TYR A 323 -4.34 16.06 3.13
CA TYR A 323 -5.13 15.57 4.28
C TYR A 323 -5.81 14.25 3.99
N LYS A 324 -6.36 14.17 2.77
CA LYS A 324 -6.98 12.95 2.32
C LYS A 324 -5.99 11.82 2.14
N LEU A 325 -4.84 12.10 1.51
CA LEU A 325 -3.80 11.05 1.33
C LEU A 325 -3.35 10.49 2.67
N GLU A 326 -2.98 11.35 3.62
CA GLU A 326 -2.61 10.93 4.95
C GLU A 326 -3.69 10.08 5.67
N SER A 327 -4.93 10.44 5.41
CA SER A 327 -6.03 9.77 6.01
C SER A 327 -6.23 8.35 5.41
N LEU A 328 -6.03 8.20 4.12
CA LEU A 328 -6.07 6.89 3.51
C LEU A 328 -4.95 5.97 4.05
N ARG A 329 -3.76 6.52 4.11
CA ARG A 329 -2.58 5.83 4.59
C ARG A 329 -2.89 5.16 5.97
N ASP A 330 -3.25 5.98 6.95
CA ASP A 330 -3.65 5.53 8.29
C ASP A 330 -4.69 4.43 8.28
N LEU A 331 -5.82 4.71 7.62
CA LEU A 331 -6.97 3.87 7.63
C LEU A 331 -6.79 2.57 6.84
N LEU A 332 -5.86 2.56 5.86
CA LEU A 332 -5.71 1.35 5.01
C LEU A 332 -4.49 0.48 5.36
N GLY A 333 -3.55 1.04 6.09
CA GLY A 333 -2.38 0.26 6.41
C GLY A 333 -1.84 0.49 7.80
N GLY A 334 -2.54 1.30 8.58
CA GLY A 334 -2.19 1.45 9.97
C GLY A 334 -0.92 2.21 10.18
N LEU A 335 -0.27 1.95 11.30
CA LEU A 335 0.77 2.85 11.79
C LEU A 335 2.06 2.84 11.00
N GLN A 336 2.35 1.75 10.32
CA GLN A 336 3.59 1.62 9.58
C GLN A 336 3.38 2.05 8.11
N ALA A 337 2.13 2.32 7.71
CA ALA A 337 1.92 2.65 6.28
C ALA A 337 2.57 4.00 5.88
N ARG A 338 2.98 4.06 4.63
CA ARG A 338 3.66 5.27 4.11
C ARG A 338 3.00 5.74 2.82
N ALA A 339 3.03 7.04 2.59
CA ALA A 339 2.43 7.57 1.37
C ALA A 339 3.24 8.70 0.74
N MET A 340 3.15 8.75 -0.59
CA MET A 340 3.87 9.69 -1.39
C MET A 340 2.90 10.41 -2.37
N LEU A 341 3.13 11.68 -2.64
CA LEU A 341 2.43 12.33 -3.79
C LEU A 341 3.43 12.61 -4.89
N VAL A 342 3.18 12.06 -6.08
CA VAL A 342 4.00 12.43 -7.25
C VAL A 342 3.21 13.47 -8.06
N SER A 343 3.81 14.64 -8.27
CA SER A 343 3.13 15.76 -8.90
C SER A 343 3.90 16.21 -10.12
N PHE A 344 3.21 16.28 -11.26
CA PHE A 344 3.75 16.75 -12.51
C PHE A 344 3.92 18.27 -12.49
N ARG A 345 3.06 18.96 -11.73
CA ARG A 345 3.11 20.40 -11.65
C ARG A 345 3.81 20.86 -10.38
N PRO A 346 4.40 22.07 -10.40
CA PRO A 346 5.14 22.63 -9.27
C PRO A 346 4.32 22.58 -7.99
N LEU A 347 4.96 22.44 -6.84
CA LEU A 347 4.22 22.43 -5.59
C LEU A 347 4.46 23.72 -4.81
N ARG A 348 3.39 24.40 -4.45
CA ARG A 348 3.48 25.62 -3.65
C ARG A 348 4.15 25.30 -2.27
N HIS A 349 4.82 26.27 -1.66
CA HIS A 349 5.52 26.01 -0.39
C HIS A 349 4.64 25.57 0.78
N ASN A 350 3.43 26.10 0.82
CA ASN A 350 2.36 25.65 1.67
C ASN A 350 2.23 24.17 1.71
N ASP A 351 2.18 23.59 0.53
CA ASP A 351 1.87 22.20 0.39
C ASP A 351 3.09 21.34 0.67
N ILE A 352 4.25 21.92 0.42
CA ILE A 352 5.48 21.30 0.81
C ILE A 352 5.59 21.20 2.34
N THR A 353 5.46 22.33 2.99
CA THR A 353 5.45 22.40 4.44
C THR A 353 4.33 21.51 5.00
N ARG A 354 3.20 21.45 4.34
CA ARG A 354 2.14 20.63 4.83
C ARG A 354 2.41 19.13 4.71
N ALA A 355 2.96 18.69 3.57
CA ALA A 355 3.39 17.32 3.36
C ALA A 355 4.43 16.90 4.43
N GLU A 356 5.38 17.78 4.73
CA GLU A 356 6.34 17.53 5.79
C GLU A 356 5.69 17.36 7.19
N ASP A 357 4.81 18.30 7.55
CA ASP A 357 4.00 18.25 8.77
C ASP A 357 3.24 16.91 8.91
N LEU A 358 2.60 16.47 7.84
CA LEU A 358 1.88 15.20 7.78
C LEU A 358 2.78 13.93 7.55
N GLY A 359 4.07 14.07 7.29
CA GLY A 359 4.92 12.89 7.02
C GLY A 359 4.67 12.25 5.66
N LEU A 360 4.30 13.05 4.64
CA LEU A 360 4.01 12.52 3.28
C LEU A 360 5.24 12.83 2.45
N ALA A 361 5.68 11.88 1.63
CA ALA A 361 6.83 12.15 0.77
C ALA A 361 6.32 12.88 -0.48
N LEU A 362 7.19 13.62 -1.15
CA LEU A 362 6.82 14.31 -2.39
C LEU A 362 7.83 14.04 -3.50
N ILE A 363 7.33 13.88 -4.71
CA ILE A 363 8.19 14.04 -5.90
C ILE A 363 7.54 15.07 -6.88
N GLY A 364 8.16 16.21 -7.02
CA GLY A 364 7.63 17.19 -7.96
C GLY A 364 8.38 17.20 -9.29
N PRO A 365 8.00 18.16 -10.15
CA PRO A 365 8.50 18.23 -11.53
C PRO A 365 10.02 18.25 -11.61
N ASP A 366 10.68 18.93 -10.69
CA ASP A 366 12.12 19.07 -10.78
C ASP A 366 12.80 17.70 -10.63
N GLU A 367 12.21 16.87 -9.77
CA GLU A 367 12.78 15.58 -9.46
C GLU A 367 12.22 14.46 -10.29
N LEU A 368 11.24 14.77 -11.13
CA LEU A 368 10.70 13.73 -11.99
C LEU A 368 11.70 13.13 -12.95
N LYS A 369 12.71 13.89 -13.32
CA LYS A 369 13.79 13.35 -14.15
C LYS A 369 14.66 12.33 -13.37
N ASP A 370 14.54 12.30 -12.04
CA ASP A 370 15.15 11.25 -11.25
C ASP A 370 14.14 10.35 -10.54
N LEU A 371 13.05 10.04 -11.22
CA LEU A 371 11.91 9.39 -10.59
C LEU A 371 12.41 8.09 -9.98
N LYS A 372 13.22 7.36 -10.74
CA LYS A 372 13.53 6.01 -10.35
C LYS A 372 14.42 6.01 -9.08
N THR A 373 15.37 6.93 -9.01
CA THR A 373 16.22 7.11 -7.84
C THR A 373 15.46 7.57 -6.59
N HIS A 374 14.58 8.55 -6.74
CA HIS A 374 13.79 9.04 -5.59
C HIS A 374 12.84 7.98 -5.10
N LEU A 375 12.27 7.19 -5.99
CA LEU A 375 11.43 6.10 -5.58
C LEU A 375 12.22 5.01 -4.85
N THR A 376 13.42 4.72 -5.34
CA THR A 376 14.33 3.76 -4.72
C THR A 376 14.66 4.24 -3.32
N GLN A 377 15.05 5.48 -3.18
CA GLN A 377 15.32 6.02 -1.88
C GLN A 377 14.15 5.83 -0.92
N TRP A 378 12.93 6.09 -1.39
CA TRP A 378 11.73 6.06 -0.53
C TRP A 378 11.56 4.63 -0.08
N PHE A 379 11.73 3.70 -1.03
CA PHE A 379 11.55 2.26 -0.72
C PHE A 379 12.66 1.68 0.16
N LYS A 380 13.89 2.18 0.01
CA LYS A 380 15.00 1.78 0.88
C LYS A 380 14.70 2.19 2.31
N ALA A 381 14.18 3.39 2.50
CA ALA A 381 13.78 3.86 3.83
C ALA A 381 12.78 2.96 4.51
N ALA A 382 12.07 2.10 3.78
CA ALA A 382 11.20 1.11 4.45
C ALA A 382 11.96 0.04 5.28
N GLY A 383 13.29 -0.07 5.10
CA GLY A 383 14.11 -1.09 5.78
C GLY A 383 13.92 -2.49 5.21
N GLY A 384 14.41 -3.51 5.89
CA GLY A 384 14.04 -4.87 5.51
C GLY A 384 15.10 -5.62 4.76
N ASN A 385 16.19 -4.92 4.46
CA ASN A 385 17.30 -5.46 3.65
C ASN A 385 18.38 -6.25 4.41
MG MG B . -1.58 0.75 25.83
C1 GOL C . 9.71 -20.10 14.38
O1 GOL C . 9.76 -21.39 13.74
C2 GOL C . 8.45 -19.74 15.22
O2 GOL C . 8.38 -18.33 15.22
C3 GOL C . 7.07 -20.30 14.73
O3 GOL C . 6.71 -21.71 14.83
C1 GOL D . 15.52 -19.30 15.73
O1 GOL D . 16.09 -19.89 16.89
C2 GOL D . 14.18 -19.91 15.26
O2 GOL D . 13.54 -20.67 16.28
C3 GOL D . 14.29 -20.73 13.94
O3 GOL D . 13.04 -20.93 13.23
C FMT E . 20.57 -12.96 17.16
O1 FMT E . 19.76 -12.49 18.01
O2 FMT E . 21.60 -13.65 17.38
C FMT F . -0.25 -20.17 0.60
O1 FMT F . -0.30 -19.00 0.14
O2 FMT F . -1.11 -21.07 0.59
C FMT G . -2.92 -15.70 36.92
O1 FMT G . -3.95 -15.61 37.61
O2 FMT G . -1.77 -15.25 37.15
C FMT H . 3.20 0.52 -20.27
O1 FMT H . 1.96 0.43 -19.99
O2 FMT H . 4.11 1.04 -19.62
C FMT I . 1.48 25.42 -26.18
O1 FMT I . 1.02 24.25 -26.15
O2 FMT I . 2.68 25.80 -26.32
C FMT J . -0.93 21.58 7.38
O1 FMT J . -0.48 20.70 8.16
O2 FMT J . -0.32 22.55 6.89
#